data_7QCP
#
_entry.id   7QCP
#
_cell.length_a   71.278
_cell.length_b   90.633
_cell.length_c   95.294
_cell.angle_alpha   90.000
_cell.angle_beta   90.000
_cell.angle_gamma   90.000
#
_symmetry.space_group_name_H-M   'P 21 21 21'
#
loop_
_entity.id
_entity.type
_entity.pdbx_description
1 polymer 'Glucosyl-3-phosphoglycerate synthase'
2 non-polymer 'L(+)-TARTARIC ACID'
3 water water
#
_entity_poly.entity_id   1
_entity_poly.type   'polypeptide(L)'
_entity_poly.pdbx_seq_one_letter_code
;MTLVPDLTATDLARHRWLTDNSWTRPTWTVAELEAAKAGRTISVVLPALNEEETVGGVVETIRPLLGGLVDELIVLDSGS
TDDTEIRAMAAGARVISREVALPEVAPQPGKGEVLWRSLAATTGDIIVFIDSDLIDPDPMFVPKLVGPLLLSEGVHLVKG
FYRRPLKTSGSEDAHGGGRVTELVARPLLAALRPELTCVLQPLGGEYAGTRELLMSVPFAPGYGVEIGLLVDTYDRLGLD
AIAQVNLGVRAHRNRPLTDLAAMSRQVIATLFSRCGVPDSGVGLTQFFADGDGFSPRTSEVSLVDRPPMNTLRGKLAAAL
EHHHHHH
;
_entity_poly.pdbx_strand_id   A,B
#
loop_
_chem_comp.id
_chem_comp.type
_chem_comp.name
_chem_comp.formula
TLA non-polymer 'L(+)-TARTARIC ACID' 'C4 H6 O6'
#
# COMPACT_ATOMS: atom_id res chain seq x y z
N ASP A 6 -7.13 -14.27 20.99
CA ASP A 6 -8.21 -15.11 20.52
C ASP A 6 -8.62 -14.73 19.11
N LEU A 7 -9.46 -15.56 18.49
CA LEU A 7 -9.95 -15.27 17.15
C LEU A 7 -10.82 -14.03 17.15
N THR A 8 -10.81 -13.31 16.03
CA THR A 8 -11.71 -12.20 15.77
C THR A 8 -12.92 -12.67 14.98
N ALA A 9 -13.92 -11.79 14.87
CA ALA A 9 -15.05 -12.11 14.01
C ALA A 9 -14.62 -12.31 12.56
N THR A 10 -13.60 -11.55 12.11
CA THR A 10 -13.06 -11.74 10.76
C THR A 10 -12.45 -13.13 10.63
N ASP A 11 -11.67 -13.56 11.64
CA ASP A 11 -11.05 -14.88 11.60
C ASP A 11 -12.11 -15.98 11.49
N LEU A 12 -13.16 -15.88 12.30
CA LEU A 12 -14.18 -16.92 12.31
C LEU A 12 -14.89 -17.01 10.98
N ALA A 13 -15.28 -15.86 10.42
CA ALA A 13 -15.90 -15.86 9.11
C ALA A 13 -14.97 -16.42 8.05
N ARG A 14 -13.69 -16.05 8.09
CA ARG A 14 -12.74 -16.57 7.10
C ARG A 14 -12.68 -18.08 7.15
N HIS A 15 -12.59 -18.64 8.35
CA HIS A 15 -12.43 -20.08 8.46
C HIS A 15 -13.60 -20.80 7.81
N ARG A 16 -14.83 -20.38 8.12
CA ARG A 16 -15.99 -21.04 7.56
C ARG A 16 -16.14 -20.74 6.07
N TRP A 17 -15.78 -19.53 5.63
CA TRP A 17 -15.83 -19.23 4.21
C TRP A 17 -14.86 -20.12 3.44
N LEU A 18 -13.66 -20.37 3.98
CA LEU A 18 -12.73 -21.24 3.28
C LEU A 18 -13.29 -22.66 3.20
N THR A 19 -13.92 -23.15 4.26
N THR A 19 -13.90 -23.14 4.28
CA THR A 19 -14.41 -24.53 4.18
CA THR A 19 -14.49 -24.47 4.30
C THR A 19 -15.61 -24.68 3.27
C THR A 19 -15.53 -24.63 3.20
N ASP A 20 -16.36 -23.61 3.00
CA ASP A 20 -17.55 -23.72 2.17
C ASP A 20 -17.34 -23.19 0.76
N ASN A 21 -16.51 -22.16 0.59
CA ASN A 21 -16.47 -21.36 -0.64
C ASN A 21 -15.08 -21.30 -1.27
N SER A 22 -14.11 -22.08 -0.78
CA SER A 22 -12.78 -22.10 -1.38
C SER A 22 -12.40 -23.53 -1.71
N TRP A 23 -11.79 -23.74 -2.88
CA TRP A 23 -11.36 -25.07 -3.32
C TRP A 23 -9.90 -25.04 -3.72
N THR A 24 -9.07 -25.74 -2.93
N THR A 24 -9.05 -25.73 -2.96
CA THR A 24 -7.68 -25.96 -3.29
CA THR A 24 -7.67 -25.90 -3.39
C THR A 24 -7.54 -26.99 -4.41
C THR A 24 -7.49 -27.04 -4.39
N ARG A 25 -8.46 -27.93 -4.49
CA ARG A 25 -8.44 -28.99 -5.52
C ARG A 25 -9.79 -28.98 -6.24
N PRO A 26 -10.05 -27.95 -7.12
CA PRO A 26 -11.31 -27.85 -7.88
C PRO A 26 -11.33 -28.83 -9.05
N THR A 27 -11.52 -30.13 -8.75
CA THR A 27 -11.30 -31.23 -9.68
C THR A 27 -12.56 -31.64 -10.47
N TRP A 28 -13.58 -30.78 -10.57
CA TRP A 28 -14.78 -31.14 -11.31
C TRP A 28 -14.41 -31.50 -12.74
N THR A 29 -15.17 -32.43 -13.33
CA THR A 29 -14.91 -32.80 -14.71
C THR A 29 -15.66 -31.87 -15.67
N VAL A 30 -15.11 -31.74 -16.87
CA VAL A 30 -15.81 -30.98 -17.90
C VAL A 30 -17.19 -31.56 -18.17
N ALA A 31 -17.28 -32.89 -18.21
CA ALA A 31 -18.57 -33.54 -18.49
C ALA A 31 -19.61 -33.20 -17.43
N GLU A 32 -19.24 -33.25 -16.15
CA GLU A 32 -20.26 -33.00 -15.14
C GLU A 32 -20.65 -31.53 -15.12
N LEU A 33 -19.72 -30.63 -15.45
CA LEU A 33 -20.06 -29.22 -15.51
C LEU A 33 -21.00 -28.96 -16.68
N GLU A 34 -20.75 -29.57 -17.85
CA GLU A 34 -21.67 -29.43 -18.96
CA GLU A 34 -21.68 -29.38 -18.94
C GLU A 34 -23.07 -29.90 -18.58
N ALA A 35 -23.14 -31.03 -17.88
CA ALA A 35 -24.43 -31.59 -17.49
C ALA A 35 -25.16 -30.71 -16.48
N ALA A 36 -24.45 -29.87 -15.74
CA ALA A 36 -25.06 -28.97 -14.78
C ALA A 36 -25.53 -27.65 -15.38
N LYS A 37 -25.22 -27.37 -16.65
CA LYS A 37 -25.56 -26.06 -17.20
C LYS A 37 -27.06 -25.80 -17.15
N ALA A 38 -27.87 -26.83 -17.38
CA ALA A 38 -29.32 -26.71 -17.24
C ALA A 38 -29.87 -25.54 -18.03
N GLY A 39 -29.43 -25.42 -19.27
CA GLY A 39 -29.91 -24.38 -20.16
C GLY A 39 -29.13 -23.08 -20.10
N ARG A 40 -28.29 -22.90 -19.08
CA ARG A 40 -27.43 -21.72 -19.02
C ARG A 40 -26.32 -21.84 -20.04
N THR A 41 -25.90 -20.69 -20.57
CA THR A 41 -24.76 -20.63 -21.47
C THR A 41 -23.60 -19.89 -20.83
N ILE A 42 -22.40 -20.13 -21.37
CA ILE A 42 -21.15 -19.64 -20.80
C ILE A 42 -20.38 -18.89 -21.88
N SER A 43 -20.04 -17.63 -21.61
CA SER A 43 -19.19 -16.82 -22.47
C SER A 43 -17.83 -16.64 -21.79
N VAL A 44 -16.76 -16.76 -22.57
CA VAL A 44 -15.41 -16.47 -22.09
C VAL A 44 -14.89 -15.26 -22.84
N VAL A 45 -14.37 -14.28 -22.10
CA VAL A 45 -13.88 -13.02 -22.62
C VAL A 45 -12.42 -12.85 -22.23
N LEU A 46 -11.58 -12.59 -23.22
CA LEU A 46 -10.17 -12.25 -23.02
C LEU A 46 -10.01 -10.77 -23.36
N PRO A 47 -9.81 -9.89 -22.40
CA PRO A 47 -9.49 -8.50 -22.75
C PRO A 47 -8.09 -8.47 -23.34
N ALA A 48 -7.87 -7.65 -24.37
CA ALA A 48 -6.54 -7.63 -24.98
C ALA A 48 -6.15 -6.26 -25.49
N LEU A 49 -4.90 -5.88 -25.24
CA LEU A 49 -4.28 -4.69 -25.83
C LEU A 49 -2.82 -5.02 -26.07
N ASN A 50 -2.44 -5.20 -27.33
CA ASN A 50 -1.05 -5.44 -27.72
C ASN A 50 -0.44 -6.61 -26.96
N GLU A 51 -1.08 -7.77 -27.12
CA GLU A 51 -0.65 -9.00 -26.47
C GLU A 51 -0.34 -10.08 -27.52
N GLU A 52 0.32 -9.70 -28.61
CA GLU A 52 0.44 -10.63 -29.73
C GLU A 52 1.23 -11.88 -29.38
N GLU A 53 2.15 -11.81 -28.41
CA GLU A 53 2.97 -12.98 -28.10
C GLU A 53 2.21 -14.06 -27.36
N THR A 54 1.13 -13.70 -26.65
CA THR A 54 0.47 -14.64 -25.75
C THR A 54 -1.01 -14.91 -26.06
N VAL A 55 -1.70 -14.01 -26.76
CA VAL A 55 -3.16 -14.14 -26.87
C VAL A 55 -3.55 -15.46 -27.53
N GLY A 56 -2.85 -15.86 -28.59
CA GLY A 56 -3.20 -17.09 -29.27
C GLY A 56 -3.06 -18.30 -28.36
N GLY A 57 -1.99 -18.34 -27.57
CA GLY A 57 -1.80 -19.44 -26.65
C GLY A 57 -2.91 -19.55 -25.62
N VAL A 58 -3.41 -18.41 -25.14
CA VAL A 58 -4.54 -18.46 -24.22
C VAL A 58 -5.77 -19.01 -24.93
N VAL A 59 -6.08 -18.46 -26.10
CA VAL A 59 -7.24 -18.93 -26.88
C VAL A 59 -7.15 -20.43 -27.10
N GLU A 60 -5.97 -20.92 -27.46
CA GLU A 60 -5.79 -22.34 -27.77
C GLU A 60 -6.15 -23.23 -26.59
N THR A 61 -5.92 -22.77 -25.35
CA THR A 61 -6.24 -23.61 -24.21
C THR A 61 -7.73 -23.69 -23.92
N ILE A 62 -8.52 -22.75 -24.43
CA ILE A 62 -9.95 -22.69 -24.15
C ILE A 62 -10.76 -23.27 -25.30
N ARG A 63 -10.22 -23.15 -26.51
CA ARG A 63 -10.92 -23.58 -27.72
C ARG A 63 -11.49 -24.99 -27.65
N PRO A 64 -10.82 -25.97 -27.03
CA PRO A 64 -11.42 -27.32 -27.00
C PRO A 64 -12.76 -27.39 -26.30
N LEU A 65 -13.07 -26.43 -25.43
CA LEU A 65 -14.35 -26.40 -24.73
C LEU A 65 -15.45 -25.78 -25.56
N LEU A 66 -15.09 -25.13 -26.65
CA LEU A 66 -16.07 -24.42 -27.46
C LEU A 66 -17.01 -25.43 -28.09
N GLY A 67 -18.30 -25.19 -27.97
CA GLY A 67 -19.29 -26.12 -28.45
C GLY A 67 -19.69 -27.18 -27.45
N GLY A 68 -19.08 -27.18 -26.28
CA GLY A 68 -19.50 -28.02 -25.18
C GLY A 68 -19.73 -27.15 -23.98
N LEU A 69 -18.76 -27.13 -23.07
CA LEU A 69 -18.92 -26.33 -21.87
C LEU A 69 -19.04 -24.84 -22.19
N VAL A 70 -18.23 -24.37 -23.14
CA VAL A 70 -18.16 -22.95 -23.49
C VAL A 70 -18.97 -22.68 -24.74
N ASP A 71 -19.84 -21.67 -24.69
CA ASP A 71 -20.69 -21.32 -25.82
C ASP A 71 -20.10 -20.23 -26.70
N GLU A 72 -19.30 -19.34 -26.15
CA GLU A 72 -18.61 -18.37 -27.01
C GLU A 72 -17.29 -17.98 -26.36
N LEU A 73 -16.32 -17.72 -27.24
CA LEU A 73 -14.95 -17.39 -26.86
C LEU A 73 -14.58 -16.12 -27.62
N ILE A 74 -14.52 -14.99 -26.90
CA ILE A 74 -14.37 -13.66 -27.47
C ILE A 74 -13.10 -13.03 -26.96
N VAL A 75 -12.32 -12.46 -27.88
CA VAL A 75 -11.23 -11.55 -27.54
C VAL A 75 -11.76 -10.14 -27.76
N LEU A 76 -11.83 -9.36 -26.68
CA LEU A 76 -12.34 -8.00 -26.70
C LEU A 76 -11.11 -7.11 -26.84
N ASP A 77 -10.84 -6.68 -28.06
CA ASP A 77 -9.63 -5.94 -28.34
C ASP A 77 -9.83 -4.46 -28.04
N SER A 78 -8.78 -3.83 -27.48
CA SER A 78 -8.85 -2.46 -27.01
C SER A 78 -8.12 -1.48 -27.93
N GLY A 79 -7.86 -1.86 -29.18
CA GLY A 79 -7.19 -0.99 -30.13
C GLY A 79 -5.74 -1.36 -30.38
N SER A 80 -5.45 -2.65 -30.47
CA SER A 80 -4.08 -3.10 -30.65
C SER A 80 -3.52 -2.64 -32.00
N THR A 81 -2.22 -2.37 -31.99
CA THR A 81 -1.51 -2.07 -33.22
C THR A 81 -0.53 -3.16 -33.63
N ASP A 82 -0.36 -4.19 -32.80
CA ASP A 82 0.44 -5.36 -33.14
C ASP A 82 -0.48 -6.40 -33.80
N ASP A 83 -0.09 -7.67 -33.80
CA ASP A 83 -0.86 -8.72 -34.45
C ASP A 83 -1.83 -9.45 -33.49
N THR A 84 -2.23 -8.80 -32.40
CA THR A 84 -3.14 -9.45 -31.44
C THR A 84 -4.41 -9.96 -32.12
N GLU A 85 -5.05 -9.12 -32.91
CA GLU A 85 -6.37 -9.48 -33.42
C GLU A 85 -6.28 -10.67 -34.37
N ILE A 86 -5.35 -10.63 -35.33
CA ILE A 86 -5.29 -11.71 -36.32
C ILE A 86 -4.81 -12.99 -35.68
N ARG A 87 -3.92 -12.92 -34.69
CA ARG A 87 -3.50 -14.14 -34.01
C ARG A 87 -4.65 -14.75 -33.21
N ALA A 88 -5.49 -13.91 -32.60
CA ALA A 88 -6.68 -14.42 -31.92
C ALA A 88 -7.65 -15.08 -32.90
N MET A 89 -7.81 -14.49 -34.10
CA MET A 89 -8.65 -15.08 -35.12
C MET A 89 -8.15 -16.47 -35.52
N ALA A 90 -6.87 -16.56 -35.87
CA ALA A 90 -6.33 -17.84 -36.34
C ALA A 90 -6.41 -18.90 -35.24
N ALA A 91 -6.28 -18.50 -33.98
CA ALA A 91 -6.32 -19.43 -32.87
C ALA A 91 -7.74 -19.90 -32.55
N GLY A 92 -8.76 -19.28 -33.11
CA GLY A 92 -10.12 -19.77 -32.98
C GLY A 92 -11.06 -18.95 -32.13
N ALA A 93 -10.78 -17.67 -31.90
CA ALA A 93 -11.66 -16.79 -31.14
C ALA A 93 -12.47 -15.88 -32.08
N ARG A 94 -13.48 -15.25 -31.49
CA ARG A 94 -14.23 -14.16 -32.09
C ARG A 94 -13.66 -12.83 -31.59
N VAL A 95 -13.11 -12.04 -32.49
CA VAL A 95 -12.53 -10.76 -32.12
C VAL A 95 -13.58 -9.67 -32.29
N ILE A 96 -13.82 -8.92 -31.20
CA ILE A 96 -14.79 -7.83 -31.17
C ILE A 96 -14.11 -6.60 -30.60
N SER A 97 -14.22 -5.47 -31.30
CA SER A 97 -13.64 -4.22 -30.83
C SER A 97 -14.53 -3.57 -29.78
N ARG A 98 -13.95 -2.62 -29.05
CA ARG A 98 -14.75 -1.84 -28.11
C ARG A 98 -15.92 -1.17 -28.80
N GLU A 99 -15.67 -0.65 -30.00
CA GLU A 99 -16.69 0.12 -30.73
C GLU A 99 -17.84 -0.76 -31.19
N VAL A 100 -17.55 -1.96 -31.68
CA VAL A 100 -18.61 -2.87 -32.09
C VAL A 100 -19.35 -3.42 -30.87
N ALA A 101 -18.65 -3.64 -29.76
CA ALA A 101 -19.30 -4.16 -28.56
C ALA A 101 -20.40 -3.24 -28.06
N LEU A 102 -20.16 -1.93 -28.11
CA LEU A 102 -21.08 -0.96 -27.53
C LEU A 102 -21.01 0.32 -28.35
N PRO A 103 -21.71 0.35 -29.49
CA PRO A 103 -21.53 1.49 -30.41
C PRO A 103 -21.98 2.83 -29.84
N GLU A 104 -22.92 2.85 -28.91
CA GLU A 104 -23.56 4.10 -28.49
C GLU A 104 -22.76 4.88 -27.47
N VAL A 105 -21.63 4.37 -27.00
CA VAL A 105 -20.82 5.05 -25.99
C VAL A 105 -19.38 5.12 -26.52
N ALA A 106 -18.80 6.33 -26.51
CA ALA A 106 -17.42 6.48 -26.94
C ALA A 106 -16.49 5.77 -25.95
N PRO A 107 -15.48 5.05 -26.44
CA PRO A 107 -14.56 4.37 -25.51
C PRO A 107 -13.71 5.35 -24.69
N GLN A 108 -13.28 4.86 -23.53
CA GLN A 108 -12.20 5.46 -22.76
C GLN A 108 -11.18 4.38 -22.46
N PRO A 109 -9.94 4.76 -22.14
CA PRO A 109 -8.88 3.74 -21.99
C PRO A 109 -9.07 2.85 -20.76
N GLY A 110 -8.44 1.68 -20.82
CA GLY A 110 -8.25 0.86 -19.66
C GLY A 110 -8.98 -0.47 -19.74
N LYS A 111 -8.55 -1.41 -18.89
CA LYS A 111 -9.12 -2.75 -18.91
CA LYS A 111 -9.11 -2.76 -18.92
C LYS A 111 -10.56 -2.76 -18.45
N GLY A 112 -10.90 -1.99 -17.42
CA GLY A 112 -12.26 -2.01 -16.92
C GLY A 112 -13.28 -1.69 -18.01
N GLU A 113 -12.93 -0.74 -18.87
CA GLU A 113 -13.81 -0.38 -19.99
C GLU A 113 -14.10 -1.58 -20.86
N VAL A 114 -13.05 -2.36 -21.15
CA VAL A 114 -13.15 -3.50 -22.03
C VAL A 114 -14.07 -4.56 -21.42
N LEU A 115 -13.89 -4.87 -20.15
CA LEU A 115 -14.73 -5.88 -19.53
C LEU A 115 -16.17 -5.44 -19.46
N TRP A 116 -16.40 -4.16 -19.13
CA TRP A 116 -17.77 -3.63 -19.11
C TRP A 116 -18.41 -3.79 -20.48
N ARG A 117 -17.73 -3.32 -21.53
CA ARG A 117 -18.28 -3.42 -22.87
C ARG A 117 -18.55 -4.86 -23.27
N SER A 118 -17.74 -5.81 -22.79
CA SER A 118 -17.96 -7.21 -23.14
C SER A 118 -19.31 -7.72 -22.67
N LEU A 119 -19.90 -7.10 -21.65
CA LEU A 119 -21.23 -7.51 -21.22
C LEU A 119 -22.27 -7.25 -22.29
N ALA A 120 -22.08 -6.23 -23.13
CA ALA A 120 -23.00 -5.94 -24.21
C ALA A 120 -22.74 -6.83 -25.42
N ALA A 121 -21.54 -7.39 -25.55
CA ALA A 121 -21.15 -8.19 -26.70
C ALA A 121 -21.36 -9.68 -26.49
N THR A 122 -21.59 -10.13 -25.28
CA THR A 122 -21.76 -11.54 -24.93
C THR A 122 -23.23 -11.81 -24.64
N THR A 123 -23.58 -13.10 -24.69
CA THR A 123 -24.92 -13.53 -24.36
C THR A 123 -24.96 -14.55 -23.23
N GLY A 124 -23.83 -15.02 -22.71
CA GLY A 124 -23.84 -16.08 -21.73
C GLY A 124 -24.47 -15.64 -20.42
N ASP A 125 -25.16 -16.59 -19.77
CA ASP A 125 -25.65 -16.40 -18.41
C ASP A 125 -24.52 -16.36 -17.39
N ILE A 126 -23.38 -16.92 -17.74
CA ILE A 126 -22.15 -16.86 -16.97
C ILE A 126 -21.09 -16.26 -17.89
N ILE A 127 -20.31 -15.31 -17.37
CA ILE A 127 -19.21 -14.69 -18.11
C ILE A 127 -17.93 -14.95 -17.35
N VAL A 128 -16.94 -15.47 -18.06
CA VAL A 128 -15.62 -15.79 -17.52
C VAL A 128 -14.61 -14.85 -18.14
N PHE A 129 -13.78 -14.24 -17.32
CA PHE A 129 -12.71 -13.36 -17.77
C PHE A 129 -11.37 -14.04 -17.51
N ILE A 130 -10.51 -14.02 -18.53
CA ILE A 130 -9.16 -14.57 -18.47
CA ILE A 130 -9.16 -14.57 -18.44
C ILE A 130 -8.21 -13.58 -19.11
N ASP A 131 -7.11 -13.22 -18.44
CA ASP A 131 -6.16 -12.29 -19.03
C ASP A 131 -5.49 -12.88 -20.27
N SER A 132 -5.18 -12.00 -21.22
CA SER A 132 -4.58 -12.44 -22.48
CA SER A 132 -4.58 -12.43 -22.48
C SER A 132 -3.07 -12.42 -22.48
N ASP A 133 -2.45 -11.96 -21.38
CA ASP A 133 -1.00 -11.87 -21.23
C ASP A 133 -0.43 -13.08 -20.50
N LEU A 134 -1.23 -14.11 -20.26
CA LEU A 134 -0.76 -15.26 -19.50
C LEU A 134 0.20 -16.08 -20.34
N ILE A 135 1.35 -16.39 -19.76
CA ILE A 135 2.38 -17.16 -20.47
C ILE A 135 2.09 -18.65 -20.40
N ASP A 136 1.54 -19.12 -19.27
CA ASP A 136 1.32 -20.53 -19.02
C ASP A 136 -0.15 -20.77 -18.71
N PRO A 137 -1.05 -20.54 -19.67
CA PRO A 137 -2.46 -20.87 -19.42
C PRO A 137 -2.66 -22.38 -19.41
N ASP A 138 -3.55 -22.83 -18.54
CA ASP A 138 -3.89 -24.24 -18.40
CA ASP A 138 -3.89 -24.25 -18.38
C ASP A 138 -5.31 -24.47 -18.88
N PRO A 139 -5.57 -25.58 -19.62
CA PRO A 139 -6.91 -25.78 -20.16
C PRO A 139 -8.02 -25.93 -19.14
N MET A 140 -7.71 -26.21 -17.87
CA MET A 140 -8.77 -26.36 -16.88
C MET A 140 -9.14 -25.06 -16.16
N PHE A 141 -8.60 -23.90 -16.59
CA PHE A 141 -8.99 -22.64 -15.94
C PHE A 141 -10.51 -22.43 -15.98
N VAL A 142 -11.11 -22.49 -17.18
CA VAL A 142 -12.54 -22.18 -17.28
C VAL A 142 -13.39 -23.17 -16.48
N PRO A 143 -13.19 -24.47 -16.59
CA PRO A 143 -13.95 -25.40 -15.75
C PRO A 143 -13.86 -25.08 -14.26
N LYS A 144 -12.67 -24.79 -13.77
CA LYS A 144 -12.50 -24.50 -12.35
C LYS A 144 -13.24 -23.23 -11.95
N LEU A 145 -13.21 -22.21 -12.79
CA LEU A 145 -13.86 -20.94 -12.46
C LEU A 145 -15.38 -21.06 -12.47
N VAL A 146 -15.95 -21.90 -13.35
CA VAL A 146 -17.40 -21.98 -13.42
C VAL A 146 -17.99 -23.01 -12.45
N GLY A 147 -17.16 -23.88 -11.88
CA GLY A 147 -17.67 -24.93 -11.02
C GLY A 147 -18.60 -24.42 -9.94
N PRO A 148 -18.15 -23.45 -9.13
CA PRO A 148 -19.04 -22.99 -8.04
C PRO A 148 -20.29 -22.31 -8.53
N LEU A 149 -20.24 -21.68 -9.71
CA LEU A 149 -21.44 -21.07 -10.27
C LEU A 149 -22.45 -22.12 -10.70
N LEU A 150 -21.98 -23.25 -11.21
CA LEU A 150 -22.88 -24.27 -11.72
C LEU A 150 -23.35 -25.22 -10.65
N LEU A 151 -22.56 -25.41 -9.60
CA LEU A 151 -22.83 -26.42 -8.60
C LEU A 151 -23.14 -25.87 -7.21
N SER A 152 -22.78 -24.64 -6.88
CA SER A 152 -22.90 -24.13 -5.51
C SER A 152 -23.96 -23.03 -5.39
N GLU A 153 -24.99 -23.31 -4.62
CA GLU A 153 -26.08 -22.35 -4.51
C GLU A 153 -25.58 -21.04 -3.94
N GLY A 154 -26.04 -19.95 -4.53
CA GLY A 154 -25.84 -18.64 -3.97
C GLY A 154 -24.55 -17.95 -4.39
N VAL A 155 -23.70 -18.62 -5.15
CA VAL A 155 -22.43 -18.02 -5.56
C VAL A 155 -22.63 -17.28 -6.87
N HIS A 156 -22.13 -16.03 -6.92
CA HIS A 156 -22.22 -15.20 -8.10
C HIS A 156 -20.88 -14.76 -8.67
N LEU A 157 -19.79 -14.86 -7.90
CA LEU A 157 -18.47 -14.41 -8.32
C LEU A 157 -17.44 -15.43 -7.86
N VAL A 158 -16.62 -15.92 -8.78
CA VAL A 158 -15.57 -16.88 -8.46
C VAL A 158 -14.23 -16.30 -8.86
N LYS A 159 -13.31 -16.21 -7.89
CA LYS A 159 -11.98 -15.67 -8.10
C LYS A 159 -10.97 -16.81 -8.22
N GLY A 160 -10.22 -16.86 -9.32
CA GLY A 160 -9.17 -17.86 -9.48
C GLY A 160 -7.85 -17.37 -8.91
N PHE A 161 -7.26 -18.19 -8.04
CA PHE A 161 -5.96 -17.87 -7.45
C PHE A 161 -4.94 -18.92 -7.86
N TYR A 162 -3.66 -18.54 -7.74
CA TYR A 162 -2.56 -19.43 -8.04
C TYR A 162 -1.76 -19.73 -6.79
N ARG A 163 -1.29 -20.96 -6.70
CA ARG A 163 -0.23 -21.29 -5.77
C ARG A 163 1.10 -20.84 -6.35
N ARG A 164 2.05 -20.57 -5.47
CA ARG A 164 3.33 -20.09 -5.92
C ARG A 164 4.40 -21.15 -5.65
N PRO A 165 5.39 -21.31 -6.55
CA PRO A 165 6.41 -22.32 -6.33
C PRO A 165 7.29 -22.03 -5.12
N GLY A 177 6.96 -9.70 -6.79
CA GLY A 177 5.76 -10.49 -7.02
C GLY A 177 4.70 -10.31 -5.95
N GLY A 178 3.49 -9.96 -6.38
CA GLY A 178 2.37 -9.82 -5.46
C GLY A 178 2.44 -8.60 -4.56
N ARG A 179 3.28 -7.62 -4.90
CA ARG A 179 3.49 -6.49 -4.00
C ARG A 179 2.25 -5.61 -3.88
N VAL A 180 1.56 -5.36 -4.99
CA VAL A 180 0.37 -4.54 -4.87
C VAL A 180 -0.69 -5.28 -4.05
N THR A 181 -0.82 -6.59 -4.26
CA THR A 181 -1.80 -7.36 -3.51
C THR A 181 -1.49 -7.33 -2.02
N GLU A 182 -0.23 -7.58 -1.64
CA GLU A 182 0.09 -7.77 -0.23
C GLU A 182 0.36 -6.47 0.50
N LEU A 183 0.79 -5.41 -0.19
CA LEU A 183 1.08 -4.15 0.47
C LEU A 183 -0.07 -3.16 0.37
N VAL A 184 -0.90 -3.26 -0.67
CA VAL A 184 -1.94 -2.27 -0.94
C VAL A 184 -3.34 -2.86 -0.77
N ALA A 185 -3.68 -3.84 -1.60
CA ALA A 185 -5.06 -4.31 -1.61
C ALA A 185 -5.46 -5.00 -0.30
N ARG A 186 -4.68 -6.00 0.13
N ARG A 186 -4.65 -5.95 0.17
CA ARG A 186 -5.07 -6.72 1.34
CA ARG A 186 -5.07 -6.72 1.33
C ARG A 186 -5.06 -5.82 2.57
C ARG A 186 -5.01 -5.88 2.61
N PRO A 187 -4.03 -4.99 2.80
CA PRO A 187 -4.08 -4.11 3.98
C PRO A 187 -5.23 -3.12 3.94
N LEU A 188 -5.56 -2.56 2.77
CA LEU A 188 -6.70 -1.65 2.70
C LEU A 188 -8.01 -2.38 2.95
N LEU A 189 -8.16 -3.59 2.41
CA LEU A 189 -9.35 -4.38 2.73
C LEU A 189 -9.41 -4.69 4.22
N ALA A 190 -8.27 -5.00 4.84
CA ALA A 190 -8.28 -5.24 6.28
C ALA A 190 -8.87 -4.05 7.02
N ALA A 191 -8.51 -2.83 6.62
CA ALA A 191 -9.01 -1.62 7.25
C ALA A 191 -10.49 -1.36 6.95
N LEU A 192 -10.92 -1.57 5.69
CA LEU A 192 -12.19 -1.06 5.18
C LEU A 192 -13.27 -2.12 5.03
N ARG A 193 -12.88 -3.35 4.69
CA ARG A 193 -13.82 -4.45 4.43
C ARG A 193 -13.12 -5.74 4.89
N PRO A 194 -12.88 -5.89 6.19
CA PRO A 194 -11.97 -6.96 6.63
C PRO A 194 -12.43 -8.36 6.27
N GLU A 195 -13.73 -8.62 6.15
CA GLU A 195 -14.11 -9.97 5.74
C GLU A 195 -13.47 -10.37 4.41
N LEU A 196 -13.26 -9.41 3.52
CA LEU A 196 -12.73 -9.71 2.19
C LEU A 196 -11.25 -10.06 2.19
N THR A 197 -10.55 -9.95 3.33
CA THR A 197 -9.17 -10.42 3.39
C THR A 197 -9.09 -11.93 3.25
N CYS A 198 -10.22 -12.65 3.30
CA CYS A 198 -10.23 -14.09 3.03
C CYS A 198 -9.87 -14.41 1.57
N VAL A 199 -10.06 -13.47 0.65
CA VAL A 199 -9.80 -13.71 -0.76
C VAL A 199 -8.29 -13.61 -1.00
N LEU A 200 -7.70 -14.70 -1.48
CA LEU A 200 -6.24 -14.76 -1.55
C LEU A 200 -5.67 -13.76 -2.55
N GLN A 201 -6.28 -13.64 -3.72
CA GLN A 201 -5.75 -12.83 -4.81
C GLN A 201 -6.84 -11.92 -5.36
N PRO A 202 -7.20 -10.86 -4.60
CA PRO A 202 -8.33 -10.01 -5.00
C PRO A 202 -8.13 -9.30 -6.32
N LEU A 203 -6.88 -9.06 -6.73
CA LEU A 203 -6.60 -8.34 -7.97
C LEU A 203 -6.51 -9.26 -9.18
N GLY A 204 -6.73 -10.57 -9.00
CA GLY A 204 -6.53 -11.51 -10.10
C GLY A 204 -7.45 -11.24 -11.27
N GLY A 205 -6.92 -11.50 -12.47
CA GLY A 205 -7.64 -11.31 -13.71
C GLY A 205 -8.45 -12.48 -14.21
N GLU A 206 -8.38 -13.62 -13.51
CA GLU A 206 -9.13 -14.82 -13.90
C GLU A 206 -10.28 -14.97 -12.91
N TYR A 207 -11.50 -14.75 -13.38
CA TYR A 207 -12.67 -14.82 -12.52
C TYR A 207 -13.91 -14.99 -13.38
N ALA A 208 -14.99 -15.41 -12.76
CA ALA A 208 -16.24 -15.64 -13.46
C ALA A 208 -17.39 -15.09 -12.62
N GLY A 209 -18.42 -14.60 -13.29
CA GLY A 209 -19.60 -14.11 -12.60
C GLY A 209 -20.87 -14.42 -13.37
N THR A 210 -21.98 -14.33 -12.67
CA THR A 210 -23.26 -14.42 -13.34
C THR A 210 -23.58 -13.12 -14.07
N ARG A 211 -24.34 -13.26 -15.15
CA ARG A 211 -24.83 -12.07 -15.85
C ARG A 211 -25.67 -11.23 -14.91
N GLU A 212 -26.50 -11.86 -14.09
CA GLU A 212 -27.36 -11.11 -13.18
C GLU A 212 -26.53 -10.19 -12.26
N LEU A 213 -25.43 -10.69 -11.72
CA LEU A 213 -24.56 -9.84 -10.91
C LEU A 213 -23.88 -8.79 -11.77
N LEU A 214 -23.21 -9.22 -12.85
CA LEU A 214 -22.31 -8.32 -13.55
C LEU A 214 -23.04 -7.18 -14.24
N MET A 215 -24.27 -7.39 -14.73
CA MET A 215 -25.05 -6.33 -15.37
C MET A 215 -25.51 -5.28 -14.36
N SER A 216 -25.45 -5.58 -13.07
CA SER A 216 -26.09 -4.76 -12.04
C SER A 216 -25.13 -3.87 -11.28
N VAL A 217 -23.82 -3.99 -11.52
CA VAL A 217 -22.83 -3.23 -10.78
C VAL A 217 -22.13 -2.24 -11.71
N PRO A 218 -21.68 -1.11 -11.20
CA PRO A 218 -20.80 -0.24 -12.00
C PRO A 218 -19.48 -0.95 -12.23
N PHE A 219 -18.73 -0.49 -13.24
CA PHE A 219 -17.40 -1.01 -13.52
C PHE A 219 -16.37 0.10 -13.33
N ALA A 220 -15.40 -0.16 -12.46
CA ALA A 220 -14.31 0.77 -12.26
C ALA A 220 -13.35 0.75 -13.44
N PRO A 221 -12.65 1.84 -13.67
CA PRO A 221 -11.77 1.94 -14.82
C PRO A 221 -10.42 1.27 -14.58
N GLY A 222 -9.79 0.90 -15.69
CA GLY A 222 -8.38 0.55 -15.65
C GLY A 222 -8.06 -0.56 -14.68
N TYR A 223 -7.03 -0.33 -13.87
CA TYR A 223 -6.53 -1.31 -12.91
C TYR A 223 -7.44 -1.48 -11.70
N GLY A 224 -8.53 -0.71 -11.62
CA GLY A 224 -9.44 -0.87 -10.50
C GLY A 224 -10.52 -1.89 -10.72
N VAL A 225 -10.67 -2.45 -11.93
CA VAL A 225 -11.88 -3.19 -12.23
C VAL A 225 -12.04 -4.41 -11.32
N GLU A 226 -10.97 -5.18 -11.11
CA GLU A 226 -11.11 -6.43 -10.36
C GLU A 226 -11.55 -6.18 -8.93
N ILE A 227 -10.87 -5.26 -8.24
CA ILE A 227 -11.19 -5.04 -6.84
CA ILE A 227 -11.18 -5.00 -6.84
C ILE A 227 -12.52 -4.31 -6.71
N GLY A 228 -12.88 -3.47 -7.68
CA GLY A 228 -14.18 -2.83 -7.64
C GLY A 228 -15.31 -3.83 -7.72
N LEU A 229 -15.17 -4.83 -8.59
CA LEU A 229 -16.20 -5.85 -8.70
C LEU A 229 -16.29 -6.67 -7.42
N LEU A 230 -15.14 -6.99 -6.82
CA LEU A 230 -15.14 -7.76 -5.59
C LEU A 230 -15.87 -7.02 -4.48
N VAL A 231 -15.56 -5.74 -4.29
CA VAL A 231 -16.18 -4.96 -3.23
C VAL A 231 -17.65 -4.69 -3.52
N ASP A 232 -18.01 -4.38 -4.77
CA ASP A 232 -19.42 -4.16 -5.06
C ASP A 232 -20.23 -5.43 -4.84
N THR A 233 -19.67 -6.60 -5.18
CA THR A 233 -20.36 -7.85 -4.93
C THR A 233 -20.55 -8.07 -3.43
N TYR A 234 -19.48 -7.85 -2.66
CA TYR A 234 -19.56 -8.01 -1.21
C TYR A 234 -20.58 -7.06 -0.60
N ASP A 235 -20.59 -5.81 -1.04
CA ASP A 235 -21.48 -4.83 -0.41
C ASP A 235 -22.93 -5.18 -0.70
N ARG A 236 -23.20 -5.87 -1.79
CA ARG A 236 -24.55 -6.27 -2.16
C ARG A 236 -24.98 -7.60 -1.58
N LEU A 237 -24.06 -8.56 -1.48
CA LEU A 237 -24.40 -9.96 -1.21
C LEU A 237 -23.56 -10.62 -0.13
N GLY A 238 -22.50 -9.96 0.32
CA GLY A 238 -21.62 -10.52 1.34
C GLY A 238 -20.75 -11.68 0.85
N LEU A 239 -20.06 -12.30 1.82
CA LEU A 239 -19.14 -13.39 1.50
C LEU A 239 -19.83 -14.58 0.88
N ASP A 240 -21.11 -14.81 1.18
CA ASP A 240 -21.75 -16.04 0.73
C ASP A 240 -21.74 -16.15 -0.80
N ALA A 241 -21.74 -15.01 -1.48
CA ALA A 241 -21.84 -14.96 -2.94
C ALA A 241 -20.50 -15.04 -3.64
N ILE A 242 -19.40 -15.10 -2.90
CA ILE A 242 -18.06 -15.04 -3.47
C ILE A 242 -17.36 -16.35 -3.17
N ALA A 243 -16.69 -16.92 -4.17
CA ALA A 243 -15.92 -18.14 -4.00
C ALA A 243 -14.55 -17.96 -4.60
N GLN A 244 -13.64 -18.90 -4.33
CA GLN A 244 -12.33 -18.88 -4.96
C GLN A 244 -11.88 -20.30 -5.23
N VAL A 245 -11.07 -20.45 -6.28
CA VAL A 245 -10.59 -21.76 -6.74
C VAL A 245 -9.13 -21.67 -7.12
N ASN A 246 -8.37 -22.70 -6.80
CA ASN A 246 -6.95 -22.80 -7.13
C ASN A 246 -6.79 -23.23 -8.57
N LEU A 247 -6.21 -22.36 -9.39
CA LEU A 247 -5.98 -22.64 -10.80
C LEU A 247 -4.67 -23.35 -11.07
N GLY A 248 -3.80 -23.45 -10.10
CA GLY A 248 -2.53 -24.15 -10.23
C GLY A 248 -1.38 -23.26 -9.83
N VAL A 249 -0.18 -23.76 -10.05
CA VAL A 249 1.03 -23.06 -9.65
C VAL A 249 1.43 -22.11 -10.77
N ARG A 250 1.71 -20.87 -10.42
CA ARG A 250 2.21 -19.89 -11.36
C ARG A 250 3.16 -18.96 -10.62
N ALA A 251 4.29 -18.65 -11.25
CA ALA A 251 5.22 -17.70 -10.66
C ALA A 251 4.68 -16.28 -10.81
N HIS A 252 5.04 -15.42 -9.87
CA HIS A 252 4.64 -14.02 -9.95
C HIS A 252 5.24 -13.38 -11.20
N ARG A 253 4.46 -12.51 -11.83
CA ARG A 253 4.97 -11.70 -12.92
C ARG A 253 5.74 -10.51 -12.36
N ASN A 254 6.83 -10.15 -13.03
CA ASN A 254 7.74 -9.09 -12.56
C ASN A 254 7.48 -7.84 -13.39
N ARG A 255 6.56 -6.95 -12.86
CA ARG A 255 6.26 -5.71 -13.55
C ARG A 255 7.14 -4.58 -13.05
N PRO A 256 7.37 -3.54 -13.86
CA PRO A 256 8.19 -2.42 -13.39
C PRO A 256 7.48 -1.64 -12.31
N LEU A 257 8.27 -0.99 -11.45
CA LEU A 257 7.68 -0.31 -10.30
C LEU A 257 6.71 0.78 -10.73
N THR A 258 7.01 1.47 -11.83
CA THR A 258 6.10 2.55 -12.25
C THR A 258 4.72 2.01 -12.58
N ASP A 259 4.65 0.83 -13.21
CA ASP A 259 3.37 0.20 -13.48
C ASP A 259 2.70 -0.24 -12.18
N LEU A 260 3.47 -0.82 -11.27
CA LEU A 260 2.90 -1.20 -9.98
C LEU A 260 2.37 0.00 -9.23
N ALA A 261 3.08 1.13 -9.26
CA ALA A 261 2.60 2.31 -8.56
C ALA A 261 1.31 2.85 -9.18
N ALA A 262 1.22 2.84 -10.52
CA ALA A 262 -0.03 3.24 -11.17
C ALA A 262 -1.17 2.30 -10.80
N MET A 263 -0.90 0.99 -10.81
N MET A 263 -0.89 1.01 -10.74
CA MET A 263 -1.89 0.02 -10.36
CA MET A 263 -1.91 0.05 -10.32
C MET A 263 -2.37 0.36 -8.97
C MET A 263 -2.32 0.32 -8.87
N SER A 264 -1.42 0.55 -8.05
N SER A 264 -1.34 0.61 -8.01
CA SER A 264 -1.79 0.85 -6.67
CA SER A 264 -1.65 0.90 -6.61
C SER A 264 -2.65 2.10 -6.58
C SER A 264 -2.54 2.13 -6.48
N ARG A 265 -2.24 3.17 -7.24
CA ARG A 265 -3.00 4.41 -7.15
C ARG A 265 -4.45 4.22 -7.58
N GLN A 266 -4.68 3.43 -8.63
CA GLN A 266 -6.05 3.18 -9.08
C GLN A 266 -6.79 2.21 -8.17
N VAL A 267 -6.11 1.20 -7.62
CA VAL A 267 -6.72 0.36 -6.61
C VAL A 267 -7.21 1.20 -5.43
N ILE A 268 -6.36 2.14 -4.98
CA ILE A 268 -6.76 3.06 -3.91
C ILE A 268 -7.99 3.87 -4.31
N ALA A 269 -7.96 4.46 -5.50
CA ALA A 269 -9.09 5.29 -5.92
C ALA A 269 -10.37 4.49 -5.95
N THR A 270 -10.31 3.27 -6.49
CA THR A 270 -11.51 2.45 -6.61
C THR A 270 -12.03 2.00 -5.24
N LEU A 271 -11.13 1.59 -4.34
CA LEU A 271 -11.57 1.23 -3.00
C LEU A 271 -12.18 2.43 -2.29
N PHE A 272 -11.52 3.59 -2.40
CA PHE A 272 -12.03 4.77 -1.72
C PHE A 272 -13.42 5.14 -2.21
N SER A 273 -13.65 5.05 -3.53
CA SER A 273 -14.95 5.41 -4.09
C SER A 273 -16.06 4.51 -3.58
N ARG A 274 -15.74 3.26 -3.24
CA ARG A 274 -16.75 2.33 -2.73
C ARG A 274 -16.92 2.38 -1.24
N CYS A 275 -15.93 2.93 -0.53
CA CYS A 275 -15.87 2.82 0.92
C CYS A 275 -15.99 4.17 1.62
N GLY A 276 -16.48 5.18 0.93
CA GLY A 276 -16.81 6.44 1.60
C GLY A 276 -15.64 7.37 1.84
N VAL A 277 -14.54 7.19 1.13
CA VAL A 277 -13.34 8.02 1.29
C VAL A 277 -13.24 8.91 0.06
N PRO A 278 -13.15 10.23 0.22
CA PRO A 278 -12.93 11.07 -0.94
C PRO A 278 -11.48 10.93 -1.41
N ASP A 279 -11.24 11.40 -2.63
CA ASP A 279 -9.98 11.20 -3.32
C ASP A 279 -9.71 12.46 -4.12
N SER A 280 -8.49 12.96 -4.01
CA SER A 280 -8.13 14.22 -4.64
C SER A 280 -8.22 14.18 -6.16
N GLY A 281 -8.19 13.00 -6.76
CA GLY A 281 -8.03 12.87 -8.19
C GLY A 281 -6.63 13.08 -8.70
N VAL A 282 -5.68 13.33 -7.80
CA VAL A 282 -4.30 13.61 -8.17
C VAL A 282 -3.57 12.29 -8.39
N GLY A 283 -3.10 12.06 -9.61
CA GLY A 283 -2.37 10.87 -9.94
C GLY A 283 -0.94 10.92 -9.40
N LEU A 284 -0.22 9.83 -9.65
CA LEU A 284 1.13 9.68 -9.12
C LEU A 284 2.01 10.84 -9.58
N THR A 285 2.76 11.41 -8.65
CA THR A 285 3.73 12.46 -8.94
C THR A 285 5.08 11.80 -9.15
N GLN A 286 5.56 11.83 -10.40
CA GLN A 286 6.87 11.28 -10.73
C GLN A 286 7.92 12.36 -10.69
N PHE A 287 9.18 11.94 -10.55
CA PHE A 287 10.31 12.86 -10.62
C PHE A 287 11.29 12.37 -11.68
N ASP A 305 -16.26 5.88 -13.13
CA ASP A 305 -16.84 4.54 -13.31
C ASP A 305 -17.88 4.55 -14.41
N ARG A 306 -18.05 3.39 -15.02
CA ARG A 306 -19.16 3.18 -15.93
C ARG A 306 -20.36 2.65 -15.17
N PRO A 307 -21.55 3.08 -15.52
CA PRO A 307 -22.75 2.67 -14.79
C PRO A 307 -23.07 1.21 -15.09
N PRO A 308 -23.91 0.59 -14.27
CA PRO A 308 -24.34 -0.78 -14.58
C PRO A 308 -24.83 -0.91 -16.01
N MET A 309 -24.39 -1.99 -16.68
CA MET A 309 -24.81 -2.21 -18.06
C MET A 309 -26.31 -2.36 -18.20
N ASN A 310 -27.01 -2.77 -17.12
N ASN A 310 -27.03 -2.76 -17.14
CA ASN A 310 -28.47 -2.81 -17.15
CA ASN A 310 -28.48 -2.84 -17.26
C ASN A 310 -29.07 -1.50 -17.60
C ASN A 310 -29.14 -1.47 -17.40
N THR A 311 -28.38 -0.38 -17.35
CA THR A 311 -28.93 0.92 -17.74
C THR A 311 -28.94 1.13 -19.24
N LEU A 312 -28.25 0.28 -20.00
CA LEU A 312 -28.14 0.41 -21.45
C LEU A 312 -28.64 -0.79 -22.21
N ARG A 313 -28.64 -1.99 -21.61
CA ARG A 313 -28.98 -3.22 -22.30
C ARG A 313 -29.73 -4.13 -21.32
N GLY A 314 -30.50 -5.06 -21.88
CA GLY A 314 -31.19 -6.05 -21.07
C GLY A 314 -32.43 -5.50 -20.38
N HIS A 322 -32.02 -10.20 -4.26
CA HIS A 322 -32.24 -9.30 -3.13
C HIS A 322 -31.46 -9.76 -1.89
N HIS A 323 -30.97 -8.78 -1.13
CA HIS A 323 -30.13 -9.02 0.05
C HIS A 323 -30.40 -7.87 1.02
N HIS A 324 -31.55 -7.94 1.69
CA HIS A 324 -32.13 -6.78 2.33
C HIS A 324 -31.36 -6.35 3.58
N HIS A 325 -31.24 -5.04 3.75
CA HIS A 325 -30.76 -4.46 4.99
C HIS A 325 -31.88 -4.08 5.94
N HIS A 326 -33.12 -4.35 5.58
CA HIS A 326 -34.27 -4.10 6.45
C HIS A 326 -35.14 -5.35 6.47
N HIS A 327 -36.11 -5.34 7.37
CA HIS A 327 -36.91 -6.53 7.64
C HIS A 327 -38.36 -6.13 7.89
N THR B 10 -0.44 23.00 -9.58
CA THR B 10 -0.29 21.84 -8.70
C THR B 10 1.17 21.52 -8.51
N ASP B 11 1.87 21.28 -9.61
CA ASP B 11 3.31 21.05 -9.55
C ASP B 11 4.10 22.35 -9.41
N LEU B 12 3.49 23.49 -9.71
CA LEU B 12 4.11 24.76 -9.39
C LEU B 12 4.38 24.86 -7.89
N ALA B 13 3.40 24.46 -7.08
CA ALA B 13 3.61 24.40 -5.63
C ALA B 13 4.73 23.42 -5.28
N ARG B 14 4.70 22.24 -5.88
CA ARG B 14 5.77 21.28 -5.64
C ARG B 14 7.11 21.80 -6.15
N HIS B 15 7.09 22.55 -7.26
CA HIS B 15 8.32 23.11 -7.81
C HIS B 15 8.92 24.16 -6.88
N ARG B 16 8.09 25.10 -6.40
CA ARG B 16 8.61 26.13 -5.50
C ARG B 16 9.16 25.51 -4.21
N TRP B 17 8.47 24.51 -3.67
CA TRP B 17 8.95 23.89 -2.44
C TRP B 17 10.28 23.18 -2.66
N LEU B 18 10.43 22.47 -3.79
CA LEU B 18 11.71 21.82 -4.03
C LEU B 18 12.82 22.85 -4.14
N THR B 19 12.52 23.98 -4.79
CA THR B 19 13.54 25.00 -4.99
C THR B 19 14.04 25.57 -3.68
N ASP B 20 13.16 25.75 -2.71
CA ASP B 20 13.49 26.45 -1.48
C ASP B 20 13.71 25.54 -0.28
N ASN B 21 13.09 24.36 -0.27
CA ASN B 21 13.03 23.51 0.92
C ASN B 21 13.64 22.14 0.72
N SER B 22 14.27 21.89 -0.41
CA SER B 22 14.92 20.61 -0.66
C SER B 22 16.36 20.86 -1.08
N TRP B 23 17.28 20.09 -0.50
CA TRP B 23 18.70 20.21 -0.78
C TRP B 23 19.25 18.84 -1.19
N THR B 24 19.65 18.72 -2.47
N THR B 24 19.64 18.71 -2.47
CA THR B 24 20.31 17.51 -2.93
CA THR B 24 20.31 17.50 -2.90
C THR B 24 21.79 17.50 -2.62
C THR B 24 21.79 17.50 -2.59
N ARG B 25 22.41 18.68 -2.42
CA ARG B 25 23.83 18.78 -2.12
C ARG B 25 24.06 19.86 -1.07
N PRO B 26 23.60 19.63 0.15
CA PRO B 26 23.80 20.65 1.18
C PRO B 26 25.28 21.02 1.37
N THR B 27 25.58 22.32 1.40
CA THR B 27 26.97 22.76 1.48
C THR B 27 27.48 22.91 2.91
N TRP B 28 26.62 22.79 3.91
CA TRP B 28 26.95 23.28 5.24
C TRP B 28 28.10 22.52 5.89
N THR B 29 28.95 23.27 6.57
CA THR B 29 29.99 22.71 7.42
C THR B 29 29.52 22.66 8.87
N VAL B 30 30.14 21.77 9.64
CA VAL B 30 29.86 21.71 11.07
C VAL B 30 30.12 23.07 11.72
N ALA B 31 31.23 23.73 11.34
CA ALA B 31 31.55 25.00 11.99
C ALA B 31 30.48 26.05 11.73
N GLU B 32 30.00 26.12 10.49
CA GLU B 32 28.97 27.09 10.14
C GLU B 32 27.69 26.82 10.93
N LEU B 33 27.34 25.55 11.10
CA LEU B 33 26.13 25.21 11.84
C LEU B 33 26.28 25.51 13.33
N GLU B 34 27.44 25.20 13.91
CA GLU B 34 27.67 25.56 15.30
C GLU B 34 27.50 27.06 15.51
N ALA B 35 28.04 27.86 14.59
CA ALA B 35 27.97 29.30 14.72
C ALA B 35 26.55 29.83 14.58
N ALA B 36 25.64 29.05 14.01
CA ALA B 36 24.26 29.46 13.83
C ALA B 36 23.34 29.00 14.94
N LYS B 37 23.84 28.24 15.92
CA LYS B 37 22.94 27.70 16.95
C LYS B 37 22.22 28.80 17.72
N ALA B 38 22.89 29.92 17.96
CA ALA B 38 22.25 31.08 18.59
C ALA B 38 21.56 30.70 19.90
N GLY B 39 22.25 29.90 20.70
CA GLY B 39 21.74 29.52 22.00
C GLY B 39 20.85 28.28 22.02
N ARG B 40 20.44 27.79 20.85
CA ARG B 40 19.67 26.56 20.77
C ARG B 40 20.56 25.36 21.04
N THR B 41 19.99 24.34 21.64
CA THR B 41 20.71 23.10 21.87
C THR B 41 20.08 21.97 21.06
N ILE B 42 20.89 20.95 20.79
CA ILE B 42 20.53 19.86 19.89
C ILE B 42 20.69 18.54 20.61
N SER B 43 19.61 17.76 20.66
CA SER B 43 19.62 16.40 21.18
C SER B 43 19.50 15.41 20.03
N VAL B 44 20.31 14.37 20.05
CA VAL B 44 20.22 13.29 19.07
C VAL B 44 19.75 12.03 19.79
N VAL B 45 18.73 11.39 19.23
CA VAL B 45 18.08 10.22 19.82
C VAL B 45 18.09 9.10 18.79
N LEU B 46 18.63 7.94 19.19
CA LEU B 46 18.62 6.73 18.39
C LEU B 46 17.69 5.73 19.04
N PRO B 47 16.54 5.41 18.46
CA PRO B 47 15.72 4.31 19.00
C PRO B 47 16.43 3.01 18.74
N ALA B 48 16.35 2.07 19.68
CA ALA B 48 17.02 0.78 19.48
C ALA B 48 16.29 -0.36 20.18
N LEU B 49 16.10 -1.46 19.45
CA LEU B 49 15.63 -2.72 20.02
C LEU B 49 16.45 -3.82 19.36
N ASN B 50 17.39 -4.39 20.10
CA ASN B 50 18.19 -5.53 19.65
C ASN B 50 18.93 -5.20 18.35
N GLU B 51 19.77 -4.18 18.42
CA GLU B 51 20.57 -3.73 17.30
C GLU B 51 22.07 -3.80 17.59
N GLU B 52 22.51 -4.85 18.28
CA GLU B 52 23.88 -4.88 18.78
C GLU B 52 24.91 -4.80 17.67
N GLU B 53 24.58 -5.26 16.46
CA GLU B 53 25.59 -5.29 15.41
C GLU B 53 25.86 -3.92 14.80
N THR B 54 24.92 -2.98 14.89
CA THR B 54 25.04 -1.71 14.19
C THR B 54 25.03 -0.49 15.11
N VAL B 55 24.50 -0.59 16.33
CA VAL B 55 24.25 0.62 17.12
C VAL B 55 25.56 1.35 17.41
N GLY B 56 26.62 0.62 17.74
CA GLY B 56 27.88 1.28 18.05
C GLY B 56 28.42 2.04 16.86
N GLY B 57 28.31 1.47 15.66
CA GLY B 57 28.79 2.16 14.47
C GLY B 57 28.05 3.45 14.22
N VAL B 58 26.73 3.47 14.46
CA VAL B 58 25.99 4.70 14.28
C VAL B 58 26.42 5.73 15.33
N VAL B 59 26.47 5.34 16.60
CA VAL B 59 26.88 6.25 17.66
C VAL B 59 28.25 6.84 17.37
N GLU B 60 29.19 6.01 16.90
CA GLU B 60 30.55 6.47 16.64
C GLU B 60 30.58 7.58 15.60
N THR B 61 29.64 7.61 14.66
CA THR B 61 29.66 8.68 13.66
C THR B 61 29.15 10.00 14.20
N ILE B 62 28.46 10.00 15.34
CA ILE B 62 27.86 11.20 15.90
C ILE B 62 28.69 11.70 17.08
N ARG B 63 29.33 10.78 17.80
CA ARG B 63 30.04 11.15 19.01
C ARG B 63 31.02 12.30 18.85
N PRO B 64 31.74 12.44 17.73
CA PRO B 64 32.67 13.57 17.61
C PRO B 64 32.00 14.94 17.68
N LEU B 65 30.69 15.01 17.45
CA LEU B 65 29.96 16.26 17.53
C LEU B 65 29.54 16.62 18.94
N LEU B 66 29.62 15.67 19.87
CA LEU B 66 29.12 15.89 21.22
C LEU B 66 30.00 16.92 21.93
N GLY B 67 29.38 17.92 22.54
CA GLY B 67 30.09 19.03 23.12
C GLY B 67 30.33 20.19 22.18
N GLY B 68 29.99 20.03 20.90
CA GLY B 68 30.05 21.09 19.92
C GLY B 68 28.68 21.27 19.30
N LEU B 69 28.50 20.80 18.07
CA LEU B 69 27.18 20.91 17.45
C LEU B 69 26.11 20.20 18.25
N VAL B 70 26.42 19.00 18.76
CA VAL B 70 25.44 18.16 19.45
C VAL B 70 25.63 18.30 20.96
N ASP B 71 24.52 18.53 21.67
CA ASP B 71 24.58 18.72 23.11
C ASP B 71 24.27 17.46 23.91
N GLU B 72 23.45 16.56 23.36
CA GLU B 72 23.10 15.30 24.00
C GLU B 72 23.05 14.21 22.94
N LEU B 73 23.55 13.02 23.28
CA LEU B 73 23.53 11.87 22.38
C LEU B 73 23.02 10.68 23.17
N ILE B 74 21.82 10.22 22.84
CA ILE B 74 21.09 9.24 23.61
C ILE B 74 20.65 8.08 22.72
N VAL B 75 20.80 6.86 23.22
CA VAL B 75 20.12 5.70 22.66
C VAL B 75 18.94 5.38 23.56
N LEU B 76 17.73 5.36 22.99
CA LEU B 76 16.50 5.06 23.73
C LEU B 76 16.23 3.59 23.50
N ASP B 77 16.61 2.77 24.47
CA ASP B 77 16.50 1.33 24.33
C ASP B 77 15.09 0.86 24.69
N SER B 78 14.54 -0.03 23.85
CA SER B 78 13.16 -0.50 23.97
C SER B 78 13.04 -1.87 24.64
N GLY B 79 14.06 -2.31 25.39
CA GLY B 79 14.01 -3.59 26.06
C GLY B 79 14.87 -4.65 25.40
N SER B 80 16.03 -4.25 24.90
CA SER B 80 16.92 -5.18 24.23
C SER B 80 17.40 -6.25 25.20
N THR B 81 17.57 -7.45 24.65
CA THR B 81 18.17 -8.57 25.37
C THR B 81 19.54 -8.95 24.81
N ASP B 82 19.98 -8.30 23.74
CA ASP B 82 21.32 -8.50 23.20
C ASP B 82 22.26 -7.49 23.85
N ASP B 83 23.41 -7.22 23.24
CA ASP B 83 24.40 -6.30 23.81
C ASP B 83 24.23 -4.87 23.31
N THR B 84 23.04 -4.48 22.89
CA THR B 84 22.82 -3.12 22.40
C THR B 84 23.28 -2.08 23.41
N GLU B 85 22.89 -2.22 24.68
CA GLU B 85 23.17 -1.15 25.64
C GLU B 85 24.67 -0.99 25.87
N ILE B 86 25.38 -2.07 26.16
CA ILE B 86 26.79 -1.92 26.49
C ILE B 86 27.57 -1.39 25.30
N ARG B 87 27.22 -1.84 24.08
CA ARG B 87 27.93 -1.37 22.90
C ARG B 87 27.62 0.10 22.60
N ALA B 88 26.38 0.52 22.79
CA ALA B 88 26.04 1.93 22.62
C ALA B 88 26.80 2.79 23.61
N MET B 89 26.88 2.37 24.88
CA MET B 89 27.59 3.14 25.89
C MET B 89 29.08 3.22 25.57
N ALA B 90 29.67 2.10 25.14
CA ALA B 90 31.09 2.09 24.80
C ALA B 90 31.40 3.05 23.66
N ALA B 91 30.45 3.27 22.75
CA ALA B 91 30.65 4.18 21.63
C ALA B 91 30.41 5.63 22.00
N GLY B 92 29.89 5.91 23.19
CA GLY B 92 29.78 7.26 23.70
C GLY B 92 28.39 7.81 23.88
N ALA B 93 27.36 6.99 23.74
CA ALA B 93 25.98 7.42 23.98
C ALA B 93 25.58 7.16 25.41
N ARG B 94 24.64 7.97 25.89
CA ARG B 94 23.91 7.67 27.11
C ARG B 94 22.72 6.80 26.74
N VAL B 95 22.58 5.66 27.40
CA VAL B 95 21.49 4.73 27.10
C VAL B 95 20.39 4.90 28.14
N ILE B 96 19.16 5.17 27.66
CA ILE B 96 17.99 5.48 28.47
C ILE B 96 16.91 4.47 28.12
N SER B 97 16.39 3.75 29.11
CA SER B 97 15.29 2.84 28.88
C SER B 97 13.97 3.60 28.76
N ARG B 98 12.95 2.92 28.23
CA ARG B 98 11.61 3.50 28.18
C ARG B 98 11.12 3.87 29.57
N GLU B 99 11.43 3.04 30.56
CA GLU B 99 10.96 3.28 31.92
C GLU B 99 11.61 4.53 32.49
N VAL B 100 12.92 4.68 32.33
CA VAL B 100 13.59 5.87 32.84
C VAL B 100 13.08 7.12 32.13
N ALA B 101 12.78 7.02 30.84
CA ALA B 101 12.36 8.20 30.10
C ALA B 101 11.05 8.77 30.63
N LEU B 102 10.13 7.90 31.05
CA LEU B 102 8.78 8.33 31.41
C LEU B 102 8.21 7.31 32.40
N PRO B 103 8.64 7.40 33.66
CA PRO B 103 8.51 6.25 34.55
C PRO B 103 7.09 5.90 34.97
N GLU B 104 6.19 6.88 35.05
CA GLU B 104 4.87 6.62 35.60
C GLU B 104 3.86 6.19 34.54
N VAL B 105 4.28 6.04 33.29
CA VAL B 105 3.42 5.62 32.18
C VAL B 105 3.90 4.25 31.72
N ALA B 106 3.01 3.26 31.75
CA ALA B 106 3.40 1.91 31.34
C ALA B 106 3.82 1.91 29.87
N PRO B 107 4.93 1.25 29.51
CA PRO B 107 5.32 1.19 28.10
C PRO B 107 4.37 0.35 27.26
N GLN B 108 4.25 0.74 26.01
CA GLN B 108 3.58 -0.04 24.98
C GLN B 108 4.57 -0.28 23.86
N PRO B 109 4.38 -1.33 23.05
CA PRO B 109 5.40 -1.68 22.06
C PRO B 109 5.42 -0.71 20.88
N GLY B 110 6.54 -0.72 20.16
CA GLY B 110 6.63 -0.07 18.88
C GLY B 110 7.55 1.16 18.91
N LYS B 111 7.94 1.58 17.69
N LYS B 111 7.93 1.56 17.70
CA LYS B 111 8.92 2.65 17.58
CA LYS B 111 8.89 2.64 17.51
C LYS B 111 8.35 4.01 17.97
C LYS B 111 8.33 3.97 18.00
N GLY B 112 7.09 4.28 17.63
CA GLY B 112 6.52 5.56 17.98
C GLY B 112 6.59 5.84 19.47
N GLU B 113 6.37 4.81 20.28
CA GLU B 113 6.45 4.94 21.73
C GLU B 113 7.81 5.45 22.16
N VAL B 114 8.87 4.91 21.57
CA VAL B 114 10.23 5.23 21.95
C VAL B 114 10.55 6.68 21.62
N LEU B 115 10.19 7.11 20.41
CA LEU B 115 10.49 8.50 20.03
C LEU B 115 9.70 9.46 20.89
N TRP B 116 8.45 9.14 21.17
CA TRP B 116 7.63 9.98 22.04
C TRP B 116 8.26 10.09 23.44
N ARG B 117 8.59 8.96 24.03
CA ARG B 117 9.19 8.97 25.37
C ARG B 117 10.48 9.78 25.42
N SER B 118 11.26 9.76 24.34
CA SER B 118 12.53 10.49 24.34
C SER B 118 12.32 11.97 24.55
N LEU B 119 11.15 12.51 24.23
CA LEU B 119 10.89 13.92 24.45
C LEU B 119 10.97 14.29 25.93
N ALA B 120 10.63 13.36 26.81
CA ALA B 120 10.69 13.58 28.26
C ALA B 120 12.09 13.38 28.84
N ALA B 121 13.01 12.85 28.04
CA ALA B 121 14.34 12.50 28.50
C ALA B 121 15.43 13.34 27.82
N THR B 122 15.04 14.40 27.13
CA THR B 122 15.95 15.27 26.40
C THR B 122 15.65 16.71 26.75
N THR B 123 16.62 17.57 26.46
CA THR B 123 16.48 19.00 26.69
C THR B 123 16.64 19.86 25.45
N GLY B 124 16.89 19.27 24.29
CA GLY B 124 17.22 20.07 23.13
C GLY B 124 16.05 20.88 22.60
N ASP B 125 16.38 22.06 22.08
CA ASP B 125 15.46 22.84 21.26
C ASP B 125 15.20 22.19 19.92
N ILE B 126 16.12 21.34 19.49
CA ILE B 126 16.03 20.55 18.28
C ILE B 126 16.30 19.11 18.67
N ILE B 127 15.46 18.18 18.20
CA ILE B 127 15.65 16.76 18.42
C ILE B 127 15.84 16.09 17.06
N VAL B 128 16.91 15.31 16.95
CA VAL B 128 17.26 14.60 15.73
C VAL B 128 17.13 13.12 15.98
N PHE B 129 16.34 12.43 15.15
CA PHE B 129 16.17 10.99 15.24
C PHE B 129 16.97 10.34 14.12
N ILE B 130 17.72 9.29 14.49
CA ILE B 130 18.54 8.51 13.56
CA ILE B 130 18.50 8.50 13.54
C ILE B 130 18.31 7.04 13.90
N ASP B 131 18.00 6.21 12.91
CA ASP B 131 17.82 4.78 13.18
C ASP B 131 19.14 4.13 13.60
N SER B 132 19.03 3.13 14.48
N SER B 132 19.03 3.15 14.50
CA SER B 132 20.20 2.44 15.01
CA SER B 132 20.19 2.44 15.01
C SER B 132 20.55 1.18 14.24
C SER B 132 20.61 1.25 14.15
N ASP B 133 19.78 0.84 13.20
CA ASP B 133 20.05 -0.33 12.38
C ASP B 133 20.76 0.01 11.07
N LEU B 134 21.25 1.24 10.93
CA LEU B 134 21.90 1.66 9.70
C LEU B 134 23.24 0.96 9.55
N ILE B 135 23.47 0.36 8.38
CA ILE B 135 24.70 -0.38 8.13
C ILE B 135 25.84 0.56 7.80
N ASP B 136 25.55 1.68 7.13
CA ASP B 136 26.57 2.58 6.61
C ASP B 136 26.26 4.01 7.02
N PRO B 137 26.36 4.31 8.31
CA PRO B 137 26.14 5.68 8.76
C PRO B 137 27.27 6.60 8.33
N ASP B 138 26.95 7.86 8.15
CA ASP B 138 27.91 8.87 7.74
CA ASP B 138 27.90 8.88 7.73
C ASP B 138 27.92 10.01 8.75
N PRO B 139 29.09 10.52 9.13
CA PRO B 139 29.13 11.57 10.16
C PRO B 139 28.41 12.87 9.82
N MET B 140 28.08 13.15 8.56
CA MET B 140 27.40 14.39 8.24
C MET B 140 25.88 14.26 8.28
N PHE B 141 25.32 13.14 8.74
CA PHE B 141 23.87 13.04 8.85
C PHE B 141 23.28 14.12 9.75
N VAL B 142 23.75 14.23 10.99
CA VAL B 142 23.18 15.22 11.91
C VAL B 142 23.37 16.62 11.39
N PRO B 143 24.56 17.04 10.94
CA PRO B 143 24.69 18.37 10.34
C PRO B 143 23.69 18.65 9.22
N LYS B 144 23.52 17.69 8.30
CA LYS B 144 22.61 17.92 7.18
C LYS B 144 21.17 18.05 7.64
N LEU B 145 20.76 17.25 8.63
CA LEU B 145 19.39 17.31 9.13
C LEU B 145 19.09 18.62 9.85
N VAL B 146 20.07 19.21 10.54
CA VAL B 146 19.79 20.42 11.30
C VAL B 146 20.01 21.68 10.49
N GLY B 147 20.66 21.60 9.33
CA GLY B 147 20.93 22.77 8.53
C GLY B 147 19.72 23.66 8.28
N PRO B 148 18.60 23.10 7.79
CA PRO B 148 17.45 23.97 7.50
C PRO B 148 16.82 24.54 8.76
N LEU B 149 16.92 23.83 9.88
CA LEU B 149 16.39 24.36 11.14
C LEU B 149 17.21 25.54 11.63
N LEU B 150 18.52 25.48 11.46
CA LEU B 150 19.40 26.51 12.00
C LEU B 150 19.59 27.69 11.06
N LEU B 151 19.56 27.46 9.75
CA LEU B 151 19.95 28.47 8.76
C LEU B 151 18.78 29.02 7.95
N SER B 152 17.70 28.27 7.79
CA SER B 152 16.51 28.81 7.17
C SER B 152 15.59 29.36 8.26
N GLU B 153 14.52 30.04 7.83
CA GLU B 153 13.49 30.51 8.73
C GLU B 153 12.22 29.74 8.48
N GLY B 154 11.50 29.43 9.56
CA GLY B 154 10.19 28.84 9.45
C GLY B 154 10.15 27.34 9.26
N VAL B 155 11.29 26.64 9.29
CA VAL B 155 11.30 25.19 9.13
C VAL B 155 11.24 24.56 10.52
N HIS B 156 10.39 23.53 10.64
CA HIS B 156 10.23 22.79 11.89
C HIS B 156 10.49 21.30 11.78
N LEU B 157 10.51 20.74 10.57
CA LEU B 157 10.71 19.30 10.38
C LEU B 157 11.56 19.12 9.14
N VAL B 158 12.68 18.40 9.29
CA VAL B 158 13.60 18.12 8.19
C VAL B 158 13.67 16.61 7.99
N LYS B 159 13.31 16.16 6.78
CA LYS B 159 13.31 14.75 6.43
C LYS B 159 14.58 14.42 5.64
N GLY B 160 15.39 13.48 6.15
CA GLY B 160 16.57 13.05 5.44
C GLY B 160 16.23 11.95 4.46
N PHE B 161 16.59 12.16 3.19
CA PHE B 161 16.39 11.16 2.17
C PHE B 161 17.73 10.69 1.62
N TYR B 162 17.70 9.55 0.95
CA TYR B 162 18.89 8.99 0.31
C TYR B 162 18.68 8.97 -1.19
N ARG B 163 19.68 9.49 -1.91
CA ARG B 163 19.72 9.28 -3.34
C ARG B 163 19.87 7.79 -3.59
N ARG B 164 19.22 7.29 -4.65
CA ARG B 164 19.32 5.87 -4.94
C ARG B 164 20.20 5.65 -6.15
N PRO B 165 21.00 4.58 -6.17
CA PRO B 165 21.85 4.31 -7.33
C PRO B 165 21.04 4.26 -8.62
N LEU B 166 21.70 4.60 -9.72
CA LEU B 166 21.07 4.61 -11.03
C LEU B 166 21.19 3.24 -11.68
N GLY B 177 12.02 5.91 -2.76
CA GLY B 177 11.87 5.04 -1.60
C GLY B 177 11.54 3.62 -1.99
N GLY B 178 11.42 2.74 -1.00
CA GLY B 178 11.17 1.34 -1.26
C GLY B 178 9.75 1.05 -1.68
N ARG B 179 9.36 -0.23 -1.58
CA ARG B 179 8.03 -0.63 -2.04
C ARG B 179 6.92 -0.02 -1.18
N VAL B 180 7.09 0.04 0.14
CA VAL B 180 6.03 0.65 0.95
C VAL B 180 5.91 2.13 0.62
N THR B 181 7.04 2.80 0.40
CA THR B 181 6.99 4.22 0.09
C THR B 181 6.29 4.46 -1.24
N GLU B 182 6.66 3.70 -2.28
CA GLU B 182 6.17 4.02 -3.62
C GLU B 182 4.80 3.42 -3.92
N LEU B 183 4.44 2.32 -3.26
CA LEU B 183 3.14 1.71 -3.52
C LEU B 183 2.10 2.09 -2.49
N VAL B 184 2.49 2.46 -1.27
CA VAL B 184 1.56 2.72 -0.19
C VAL B 184 1.56 4.20 0.22
N ALA B 185 2.69 4.69 0.75
CA ALA B 185 2.69 6.02 1.31
C ALA B 185 2.45 7.11 0.27
N ARG B 186 3.23 7.13 -0.81
N ARG B 186 3.18 7.09 -0.83
CA ARG B 186 3.06 8.21 -1.79
CA ARG B 186 3.07 8.18 -1.79
C ARG B 186 1.69 8.16 -2.45
C ARG B 186 1.74 8.17 -2.53
N PRO B 187 1.19 7.01 -2.92
CA PRO B 187 -0.16 7.02 -3.52
C PRO B 187 -1.25 7.42 -2.54
N LEU B 188 -1.14 7.02 -1.27
CA LEU B 188 -2.16 7.44 -0.29
C LEU B 188 -2.09 8.94 -0.04
N LEU B 189 -0.88 9.49 0.04
CA LEU B 189 -0.75 10.94 0.18
C LEU B 189 -1.31 11.66 -1.06
N ALA B 190 -1.08 11.10 -2.26
CA ALA B 190 -1.67 11.71 -3.45
C ALA B 190 -3.19 11.83 -3.29
N ALA B 191 -3.82 10.80 -2.74
CA ALA B 191 -5.27 10.77 -2.57
C ALA B 191 -5.75 11.71 -1.47
N LEU B 192 -5.01 11.82 -0.33
CA LEU B 192 -5.54 12.40 0.89
C LEU B 192 -4.79 13.62 1.42
N ARG B 193 -3.55 13.86 1.00
CA ARG B 193 -2.81 15.09 1.33
C ARG B 193 -1.94 15.41 0.13
N PRO B 194 -2.54 15.81 -0.99
CA PRO B 194 -1.81 15.75 -2.25
C PRO B 194 -0.51 16.55 -2.30
N GLU B 195 -0.39 17.69 -1.61
CA GLU B 195 0.86 18.42 -1.67
C GLU B 195 2.03 17.61 -1.15
N LEU B 196 1.79 16.69 -0.21
CA LEU B 196 2.87 15.98 0.44
C LEU B 196 3.54 14.93 -0.43
N THR B 197 3.05 14.68 -1.64
CA THR B 197 3.81 13.79 -2.51
C THR B 197 5.16 14.38 -2.90
N CYS B 198 5.41 15.67 -2.64
CA CYS B 198 6.71 16.28 -2.89
C CYS B 198 7.81 15.72 -2.00
N VAL B 199 7.45 15.12 -0.86
CA VAL B 199 8.44 14.57 0.06
C VAL B 199 8.90 13.23 -0.49
N LEU B 200 10.20 13.11 -0.73
CA LEU B 200 10.70 11.93 -1.45
C LEU B 200 10.55 10.66 -0.63
N GLN B 201 10.91 10.71 0.65
CA GLN B 201 10.97 9.52 1.50
C GLN B 201 10.21 9.80 2.80
N PRO B 202 8.87 9.87 2.73
CA PRO B 202 8.07 10.23 3.90
C PRO B 202 8.23 9.30 5.09
N LEU B 203 8.59 8.04 4.86
CA LEU B 203 8.69 7.04 5.91
C LEU B 203 10.09 6.97 6.50
N GLY B 204 11.01 7.80 6.05
CA GLY B 204 12.39 7.72 6.52
C GLY B 204 12.53 7.93 8.02
N GLY B 205 13.49 7.22 8.60
CA GLY B 205 13.78 7.27 10.02
C GLY B 205 14.79 8.31 10.45
N GLU B 206 15.42 9.02 9.52
CA GLU B 206 16.36 10.09 9.84
C GLU B 206 15.67 11.43 9.60
N TYR B 207 15.40 12.15 10.69
CA TYR B 207 14.71 13.43 10.58
C TYR B 207 14.94 14.21 11.86
N ALA B 208 14.75 15.54 11.76
CA ALA B 208 14.93 16.42 12.89
C ALA B 208 13.72 17.34 13.00
N GLY B 209 13.37 17.69 14.24
CA GLY B 209 12.25 18.56 14.47
C GLY B 209 12.55 19.55 15.59
N THR B 210 11.81 20.65 15.59
CA THR B 210 11.89 21.57 16.71
C THR B 210 11.12 21.01 17.91
N ARG B 211 11.59 21.40 19.10
CA ARG B 211 10.89 21.10 20.32
C ARG B 211 9.47 21.64 20.29
N GLU B 212 9.30 22.86 19.75
CA GLU B 212 7.98 23.48 19.64
C GLU B 212 7.00 22.56 18.94
N LEU B 213 7.41 22.02 17.80
CA LEU B 213 6.56 21.09 17.09
C LEU B 213 6.38 19.78 17.88
N LEU B 214 7.49 19.14 18.22
CA LEU B 214 7.40 17.75 18.66
C LEU B 214 6.70 17.60 20.00
N MET B 215 6.83 18.59 20.89
CA MET B 215 6.20 18.52 22.20
CA MET B 215 6.18 18.51 22.20
C MET B 215 4.69 18.71 22.13
N SER B 216 4.18 19.21 21.00
CA SER B 216 2.80 19.66 20.90
C SER B 216 1.91 18.75 20.06
N VAL B 217 2.46 17.71 19.45
CA VAL B 217 1.68 16.83 18.57
C VAL B 217 1.52 15.45 19.21
N PRO B 218 0.41 14.78 18.94
CA PRO B 218 0.32 13.37 19.33
C PRO B 218 1.33 12.57 18.53
N PHE B 219 1.72 11.41 19.07
CA PHE B 219 2.63 10.49 18.39
C PHE B 219 1.90 9.20 18.05
N ALA B 220 1.88 8.86 16.79
CA ALA B 220 1.28 7.62 16.35
C ALA B 220 2.14 6.43 16.80
N PRO B 221 1.52 5.27 16.96
CA PRO B 221 2.23 4.09 17.43
C PRO B 221 2.99 3.37 16.33
N GLY B 222 4.01 2.63 16.76
CA GLY B 222 4.65 1.66 15.89
C GLY B 222 5.23 2.28 14.65
N TYR B 223 4.97 1.61 13.51
CA TYR B 223 5.45 2.03 12.21
C TYR B 223 4.71 3.21 11.64
N GLY B 224 3.72 3.74 12.35
CA GLY B 224 3.03 4.93 11.89
C GLY B 224 3.66 6.24 12.29
N VAL B 225 4.69 6.22 13.14
CA VAL B 225 5.12 7.46 13.75
C VAL B 225 5.60 8.48 12.72
N GLU B 226 6.37 8.05 11.72
CA GLU B 226 6.95 9.01 10.77
CA GLU B 226 6.96 9.01 10.77
C GLU B 226 5.86 9.70 9.96
N ILE B 227 4.93 8.93 9.40
CA ILE B 227 3.91 9.52 8.55
CA ILE B 227 3.92 9.54 8.55
C ILE B 227 2.96 10.38 9.38
N GLY B 228 2.69 9.97 10.62
CA GLY B 228 1.85 10.77 11.48
C GLY B 228 2.45 12.13 11.76
N LEU B 229 3.75 12.17 12.05
CA LEU B 229 4.42 13.45 12.29
C LEU B 229 4.43 14.30 11.04
N LEU B 230 4.67 13.71 9.89
CA LEU B 230 4.69 14.47 8.65
C LEU B 230 3.34 15.13 8.39
N VAL B 231 2.26 14.35 8.51
CA VAL B 231 0.94 14.87 8.23
C VAL B 231 0.52 15.92 9.25
N ASP B 232 0.80 15.68 10.54
CA ASP B 232 0.42 16.67 11.54
C ASP B 232 1.20 17.96 11.35
N THR B 233 2.49 17.87 10.98
CA THR B 233 3.28 19.07 10.74
C THR B 233 2.70 19.85 9.56
N TYR B 234 2.40 19.12 8.48
CA TYR B 234 1.81 19.75 7.31
C TYR B 234 0.52 20.48 7.67
N ASP B 235 -0.40 19.79 8.34
CA ASP B 235 -1.69 20.40 8.65
C ASP B 235 -1.51 21.63 9.54
N ARG B 236 -0.75 21.48 10.63
CA ARG B 236 -0.68 22.52 11.65
C ARG B 236 0.23 23.67 11.26
N LEU B 237 1.39 23.38 10.67
CA LEU B 237 2.41 24.39 10.43
C LEU B 237 2.63 24.70 8.96
N GLY B 238 2.24 23.81 8.05
CA GLY B 238 2.24 24.07 6.64
C GLY B 238 3.43 23.46 5.90
N LEU B 239 3.31 23.48 4.57
CA LEU B 239 4.30 22.85 3.71
C LEU B 239 5.68 23.48 3.89
N ASP B 240 5.72 24.79 4.05
CA ASP B 240 7.01 25.47 4.14
C ASP B 240 7.70 25.24 5.47
N ALA B 241 7.02 24.63 6.44
CA ALA B 241 7.64 24.22 7.68
C ALA B 241 8.34 22.87 7.55
N ILE B 242 8.24 22.21 6.40
CA ILE B 242 8.87 20.91 6.16
C ILE B 242 9.98 21.12 5.13
N ALA B 243 11.13 20.49 5.38
CA ALA B 243 12.23 20.50 4.43
C ALA B 243 12.76 19.08 4.26
N GLN B 244 13.59 18.87 3.25
CA GLN B 244 14.24 17.59 3.07
C GLN B 244 15.66 17.79 2.57
N VAL B 245 16.54 16.89 2.98
N VAL B 245 16.54 16.84 2.92
CA VAL B 245 17.96 16.95 2.64
CA VAL B 245 17.97 16.95 2.66
C VAL B 245 18.46 15.57 2.23
C VAL B 245 18.52 15.58 2.29
N ASN B 246 19.34 15.53 1.22
CA ASN B 246 19.97 14.28 0.80
C ASN B 246 21.12 13.95 1.72
N LEU B 247 21.05 12.78 2.35
CA LEU B 247 22.08 12.31 3.27
C LEU B 247 23.17 11.52 2.56
N GLY B 248 22.97 11.18 1.30
CA GLY B 248 23.94 10.45 0.52
C GLY B 248 23.29 9.28 -0.17
N VAL B 249 24.08 8.60 -0.99
CA VAL B 249 23.55 7.49 -1.76
C VAL B 249 23.52 6.26 -0.87
N ARG B 250 22.37 5.60 -0.83
CA ARG B 250 22.23 4.39 -0.05
C ARG B 250 21.33 3.42 -0.82
N ALA B 251 21.74 2.15 -0.86
CA ALA B 251 20.93 1.13 -1.49
C ALA B 251 19.67 0.89 -0.67
N HIS B 252 18.62 0.45 -1.36
CA HIS B 252 17.40 0.05 -0.67
C HIS B 252 17.69 -1.16 0.22
N ARG B 253 17.27 -1.08 1.47
CA ARG B 253 17.35 -2.23 2.35
C ARG B 253 16.30 -3.25 1.95
N ASN B 254 16.66 -4.53 2.02
CA ASN B 254 15.77 -5.62 1.64
C ASN B 254 15.17 -6.22 2.91
N ARG B 255 13.84 -6.12 3.04
CA ARG B 255 13.12 -6.63 4.19
C ARG B 255 12.12 -7.69 3.75
N PRO B 256 11.81 -8.66 4.62
CA PRO B 256 10.81 -9.67 4.25
C PRO B 256 9.47 -9.04 3.94
N LEU B 257 8.77 -9.61 2.96
CA LEU B 257 7.47 -9.06 2.56
C LEU B 257 6.50 -8.99 3.73
N THR B 258 6.58 -9.95 4.68
CA THR B 258 5.64 -9.91 5.79
C THR B 258 5.86 -8.68 6.67
N ASP B 259 7.12 -8.29 6.86
CA ASP B 259 7.43 -7.06 7.61
C ASP B 259 6.95 -5.84 6.84
N LEU B 260 7.17 -5.81 5.53
CA LEU B 260 6.71 -4.69 4.73
C LEU B 260 5.20 -4.59 4.79
N ALA B 261 4.50 -5.73 4.76
CA ALA B 261 3.03 -5.67 4.80
C ALA B 261 2.53 -5.16 6.15
N ALA B 262 3.19 -5.58 7.23
CA ALA B 262 2.81 -5.08 8.54
C ALA B 262 3.06 -3.57 8.65
N MET B 263 4.19 -3.11 8.11
N MET B 263 4.19 -3.11 8.10
CA MET B 263 4.46 -1.67 8.07
CA MET B 263 4.46 -1.67 8.07
C MET B 263 3.38 -0.95 7.29
C MET B 263 3.40 -0.93 7.28
N SER B 264 3.05 -1.46 6.10
CA SER B 264 2.01 -0.86 5.28
CA SER B 264 2.02 -0.86 5.28
C SER B 264 0.71 -0.73 6.05
N ARG B 265 0.31 -1.81 6.73
CA ARG B 265 -0.97 -1.81 7.44
C ARG B 265 -1.01 -0.72 8.49
N GLN B 266 0.11 -0.49 9.18
CA GLN B 266 0.16 0.55 10.21
C GLN B 266 0.24 1.94 9.61
N VAL B 267 0.94 2.11 8.49
CA VAL B 267 0.93 3.39 7.78
C VAL B 267 -0.49 3.76 7.38
N ILE B 268 -1.23 2.78 6.86
CA ILE B 268 -2.64 2.97 6.52
C ILE B 268 -3.44 3.39 7.75
N ALA B 269 -3.29 2.64 8.86
CA ALA B 269 -4.05 2.96 10.05
C ALA B 269 -3.78 4.39 10.52
N THR B 270 -2.50 4.79 10.52
CA THR B 270 -2.17 6.13 11.00
C THR B 270 -2.69 7.22 10.06
N LEU B 271 -2.55 7.03 8.76
N LEU B 271 -2.52 7.04 8.75
CA LEU B 271 -3.11 8.03 7.85
CA LEU B 271 -3.10 8.00 7.81
C LEU B 271 -4.63 8.09 7.96
C LEU B 271 -4.61 8.08 8.01
N PHE B 272 -5.28 6.94 8.09
CA PHE B 272 -6.73 6.94 8.30
C PHE B 272 -7.11 7.66 9.58
N SER B 273 -6.31 7.48 10.65
N SER B 273 -6.35 7.46 10.66
CA SER B 273 -6.59 8.18 11.91
CA SER B 273 -6.62 8.18 11.90
C SER B 273 -6.46 9.68 11.77
C SER B 273 -6.56 9.69 11.65
N ARG B 274 -5.54 10.14 10.93
CA ARG B 274 -5.37 11.57 10.68
C ARG B 274 -6.41 12.14 9.71
N CYS B 275 -7.14 11.29 9.01
CA CYS B 275 -8.20 11.73 8.12
C CYS B 275 -9.59 11.46 8.66
N GLY B 276 -9.71 10.76 9.78
CA GLY B 276 -11.02 10.36 10.29
C GLY B 276 -11.69 9.25 9.51
N VAL B 277 -10.92 8.43 8.80
CA VAL B 277 -11.49 7.25 8.12
C VAL B 277 -11.65 6.14 9.14
N PRO B 278 -12.85 5.57 9.31
N PRO B 278 -12.84 5.50 9.28
CA PRO B 278 -12.99 4.42 10.19
CA PRO B 278 -13.01 4.48 10.33
C PRO B 278 -12.04 3.33 9.71
C PRO B 278 -12.40 3.09 10.12
N ASP B 279 -11.16 2.92 10.58
CA ASP B 279 -10.33 1.75 10.34
C ASP B 279 -10.77 0.66 11.31
N SER B 280 -10.95 -0.56 10.79
CA SER B 280 -11.46 -1.66 11.59
C SER B 280 -10.52 -2.07 12.72
N GLY B 281 -9.24 -1.70 12.63
CA GLY B 281 -8.25 -2.23 13.54
C GLY B 281 -7.81 -3.65 13.27
N VAL B 282 -8.36 -4.30 12.24
CA VAL B 282 -8.03 -5.69 11.94
C VAL B 282 -6.68 -5.73 11.25
N GLY B 283 -5.76 -6.54 11.77
CA GLY B 283 -4.44 -6.69 11.20
C GLY B 283 -4.44 -7.73 10.11
N LEU B 284 -3.24 -8.06 9.67
CA LEU B 284 -3.03 -9.05 8.62
C LEU B 284 -2.72 -10.41 9.24
N THR B 285 -3.31 -11.45 8.66
CA THR B 285 -3.06 -12.81 9.15
C THR B 285 -1.76 -13.35 8.56
N SER B 299 -1.12 -9.39 12.43
CA SER B 299 -0.18 -8.29 12.61
C SER B 299 -0.77 -7.24 13.56
N GLU B 300 0.10 -6.55 14.28
CA GLU B 300 -0.33 -5.56 15.25
C GLU B 300 -0.78 -4.29 14.55
N VAL B 301 -1.96 -3.79 14.93
CA VAL B 301 -2.51 -2.55 14.41
C VAL B 301 -3.06 -1.75 15.59
N SER B 302 -2.52 -0.56 15.81
CA SER B 302 -3.04 0.33 16.83
C SER B 302 -3.54 1.60 16.17
N LEU B 303 -4.70 2.05 16.62
CA LEU B 303 -5.31 3.28 16.17
C LEU B 303 -5.18 4.39 17.20
N VAL B 304 -4.48 4.14 18.31
CA VAL B 304 -4.47 5.03 19.47
C VAL B 304 -3.13 5.75 19.55
N ASP B 305 -3.17 7.08 19.49
CA ASP B 305 -1.96 7.87 19.64
C ASP B 305 -1.57 7.98 21.11
N ARG B 306 -0.32 8.32 21.34
CA ARG B 306 0.07 8.94 22.60
C ARG B 306 -0.22 10.44 22.52
N PRO B 307 -0.64 11.06 23.61
CA PRO B 307 -1.00 12.48 23.58
C PRO B 307 0.25 13.35 23.49
N PRO B 308 0.10 14.61 23.11
CA PRO B 308 1.26 15.52 23.12
C PRO B 308 2.00 15.45 24.44
N MET B 309 3.33 15.37 24.37
CA MET B 309 4.12 15.26 25.60
C MET B 309 3.94 16.47 26.50
N ASN B 310 3.60 17.63 25.95
CA ASN B 310 3.38 18.78 26.81
C ASN B 310 2.19 18.60 27.75
N THR B 311 1.32 17.61 27.53
CA THR B 311 0.24 17.36 28.48
C THR B 311 0.73 16.63 29.72
N LEU B 312 1.78 15.81 29.61
CA LEU B 312 2.30 15.04 30.73
C LEU B 312 3.52 15.68 31.37
N ARG B 313 4.22 16.53 30.62
CA ARG B 313 5.44 17.20 31.05
C ARG B 313 5.28 18.69 30.78
N GLY B 314 4.23 19.27 31.36
CA GLY B 314 3.93 20.67 31.09
C GLY B 314 5.02 21.63 31.56
N LYS B 315 5.63 21.37 32.71
CA LYS B 315 6.67 22.26 33.21
C LYS B 315 7.94 22.16 32.39
N LEU B 316 8.34 20.94 32.00
CA LEU B 316 9.45 20.79 31.09
C LEU B 316 9.17 21.54 29.78
N ALA B 317 7.97 21.34 29.22
CA ALA B 317 7.61 21.98 27.97
C ALA B 317 7.66 23.50 28.09
N ALA B 318 7.12 24.04 29.17
CA ALA B 318 7.12 25.48 29.37
C ALA B 318 8.54 26.02 29.51
N ALA B 319 9.42 25.28 30.18
CA ALA B 319 10.80 25.69 30.35
C ALA B 319 11.52 25.80 29.01
N LEU B 320 11.05 25.07 28.00
CA LEU B 320 11.68 25.01 26.69
C LEU B 320 10.95 25.84 25.65
N GLU B 321 9.94 26.61 26.05
CA GLU B 321 9.21 27.43 25.08
C GLU B 321 10.01 28.66 24.65
N HIS B 322 10.86 29.17 25.53
CA HIS B 322 11.84 30.18 25.16
C HIS B 322 11.20 31.32 24.38
O1 TLA C . 1.59 -6.59 -7.52
O11 TLA C . 0.05 -7.95 -6.62
C1 TLA C . 0.61 -7.37 -7.59
C2 TLA C . 0.07 -7.64 -8.99
O2 TLA C . -0.99 -8.58 -8.98
C3 TLA C . 1.21 -8.13 -9.90
O3 TLA C . 1.86 -9.23 -9.29
C4 TLA C . 0.67 -8.48 -11.28
O4 TLA C . 0.85 -9.65 -11.68
O41 TLA C . 0.10 -7.57 -11.91
H2 TLA C . -0.29 -6.79 -9.36
HA TLA C . -0.70 -9.31 -8.67
H3 TLA C . 1.86 -7.39 -9.99
HB TLA C . 1.30 -9.86 -9.20
O1 TLA D . 11.86 1.50 5.86
O11 TLA D . 12.06 3.58 5.11
C1 TLA D . 11.56 2.43 5.10
C2 TLA D . 10.47 2.17 4.05
O2 TLA D . 9.25 1.80 4.66
C3 TLA D . 10.93 1.06 3.09
O3 TLA D . 11.14 -0.14 3.80
C4 TLA D . 9.88 0.88 1.99
O4 TLA D . 9.42 -0.27 1.82
O41 TLA D . 9.56 1.90 1.36
H2 TLA D . 10.34 2.99 3.53
HA TLA D . 8.98 2.45 5.14
H3 TLA D . 11.78 1.34 2.68
HB TLA D . 11.39 -0.74 3.25
#